data_6RFI
#
_entry.id   6RFI
#
_cell.length_a   87.904
_cell.length_b   116.781
_cell.length_c   141.248
_cell.angle_alpha   90.00
_cell.angle_beta   90.00
_cell.angle_gamma   90.00
#
_symmetry.space_group_name_H-M   'I 2 2 2'
#
loop_
_entity.id
_entity.type
_entity.pdbx_description
1 polymer 'Interleukin-1 receptor-associated kinase 4'
2 non-polymer 'SULFATE ION'
3 non-polymer 'methyl 4-[4-[(6-cyanoquinazolin-4-yl)amino]cyclohexyl]piperazine-1-carboxylate'
4 water water
#
_entity_poly.entity_id   1
_entity_poly.type   'polypeptide(L)'
_entity_poly.pdbx_seq_one_letter_code
;MHHHHHHHENLYFQGENKSLEVSDTRFHSFSFYELKNVTNNFDERPISVGGNKMGEGGFGVVYKGYVNNTTVAVKKLAAM
VDITTEELKQQFDQEIKVMAKCQHENLVELLGFSSDGDDLCLVYVYMPNGSLLDRLSCLDGTPPLSWHMRCKIAQGAANG
INFLHENHHIHRDIKSANILLDEAFTAKISDFGLARASEKFAQTVM(TPO)(SEP)RIVGTTAYMAPEALRGEITPKSDI
YSFGVVLLEIITGLPAVDEHREPQLLLDIKEEIEDEEKTIEDYIDKKMNDADSTSVEAMYSVASQCLHEKKNKRPDIKKV
QQLLQEMTAS
;
_entity_poly.pdbx_strand_id   A,B
#
loop_
_chem_comp.id
_chem_comp.type
_chem_comp.name
_chem_comp.formula
K1H non-polymer 'methyl 4-[4-[(6-cyanoquinazolin-4-yl)amino]cyclohexyl]piperazine-1-carboxylate' 'C21 H26 N6 O2'
SO4 non-polymer 'SULFATE ION' 'O4 S -2'
#
# COMPACT_ATOMS: atom_id res chain seq x y z
N PHE A 27 13.78 34.64 15.39
CA PHE A 27 13.70 34.11 14.02
C PHE A 27 14.13 35.15 13.00
N HIS A 28 14.69 34.70 11.85
CA HIS A 28 15.13 35.59 10.78
C HIS A 28 13.96 36.16 9.96
N SER A 29 13.95 37.48 9.74
CA SER A 29 12.93 38.17 8.94
C SER A 29 13.46 38.24 7.52
N PHE A 30 13.19 37.18 6.74
CA PHE A 30 13.62 37.06 5.35
C PHE A 30 12.87 38.03 4.49
N SER A 31 13.55 38.54 3.46
CA SER A 31 12.97 39.43 2.47
C SER A 31 12.10 38.56 1.57
N PHE A 32 10.97 39.11 1.09
CA PHE A 32 10.11 38.37 0.20
C PHE A 32 10.82 38.00 -1.09
N TYR A 33 11.63 38.93 -1.65
CA TYR A 33 12.41 38.70 -2.87
C TYR A 33 13.40 37.56 -2.71
N GLU A 34 14.05 37.44 -1.53
CA GLU A 34 14.99 36.35 -1.23
C GLU A 34 14.25 35.00 -1.23
N LEU A 35 13.08 34.94 -0.58
CA LEU A 35 12.28 33.70 -0.51
C LEU A 35 11.66 33.35 -1.85
N LYS A 36 11.07 34.38 -2.50
CA LYS A 36 10.42 34.31 -3.81
C LYS A 36 11.34 33.69 -4.83
N ASN A 37 12.65 33.73 -4.57
CA ASN A 37 13.59 33.23 -5.54
C ASN A 37 14.54 32.13 -5.06
N VAL A 38 14.49 31.74 -3.75
CA VAL A 38 15.22 30.55 -3.28
C VAL A 38 14.36 29.33 -3.67
N THR A 39 13.11 29.62 -4.10
CA THR A 39 12.04 28.72 -4.53
C THR A 39 11.71 28.84 -6.05
N ASN A 40 12.58 29.52 -6.85
CA ASN A 40 12.45 29.73 -8.31
C ASN A 40 11.09 30.36 -8.71
N ASN A 41 10.76 31.50 -8.06
CA ASN A 41 9.50 32.26 -8.23
C ASN A 41 8.29 31.41 -7.87
N PHE A 42 8.47 30.59 -6.78
CA PHE A 42 7.51 29.62 -6.26
C PHE A 42 7.10 28.65 -7.38
N ASP A 43 8.09 27.88 -7.89
CA ASP A 43 7.97 26.91 -8.98
C ASP A 43 6.99 25.80 -8.61
N GLU A 44 5.75 25.90 -9.14
CA GLU A 44 4.60 25.02 -8.89
C GLU A 44 4.71 23.59 -9.48
N ARG A 45 5.83 23.28 -10.17
CA ARG A 45 6.10 21.97 -10.76
C ARG A 45 6.93 21.10 -9.79
N PRO A 46 6.60 19.80 -9.57
CA PRO A 46 7.41 18.98 -8.63
C PRO A 46 8.84 18.70 -9.12
N GLY A 51 11.59 22.74 -10.69
CA GLY A 51 10.94 21.84 -9.75
C GLY A 51 11.16 22.18 -8.28
N ASN A 52 10.17 22.83 -7.64
CA ASN A 52 10.27 23.23 -6.23
C ASN A 52 9.07 22.84 -5.36
N LYS A 53 7.84 22.78 -5.95
CA LYS A 53 6.59 22.47 -5.24
C LYS A 53 6.54 21.05 -4.66
N MET A 54 5.57 20.83 -3.73
CA MET A 54 5.22 19.60 -2.99
C MET A 54 4.03 19.87 -2.08
N GLY A 55 4.07 21.06 -1.46
CA GLY A 55 3.14 21.61 -0.49
C GLY A 55 1.68 21.22 -0.48
N GLU A 56 1.16 21.00 0.74
CA GLU A 56 -0.21 20.64 1.12
C GLU A 56 -0.28 20.74 2.65
N GLY A 57 -0.21 21.99 3.15
CA GLY A 57 -0.25 22.32 4.58
C GLY A 57 -1.56 22.94 5.02
N GLY A 60 -1.70 26.75 2.99
CA GLY A 60 -0.25 26.76 2.81
C GLY A 60 0.28 25.82 1.75
N VAL A 61 1.27 26.29 0.96
CA VAL A 61 1.95 25.50 -0.09
C VAL A 61 3.45 25.56 0.21
N VAL A 62 4.05 24.37 0.39
CA VAL A 62 5.45 24.15 0.74
C VAL A 62 6.33 23.96 -0.51
N TYR A 63 7.44 24.69 -0.54
CA TYR A 63 8.42 24.70 -1.61
C TYR A 63 9.77 24.40 -1.00
N LYS A 64 10.64 23.72 -1.73
CA LYS A 64 11.99 23.42 -1.27
C LYS A 64 12.92 24.59 -1.68
N GLY A 65 13.91 24.89 -0.83
CA GLY A 65 14.85 25.97 -1.06
C GLY A 65 16.19 25.80 -0.36
N TYR A 66 17.09 26.77 -0.56
CA TYR A 66 18.43 26.82 0.03
C TYR A 66 18.75 28.27 0.44
N VAL A 67 19.02 28.52 1.74
CA VAL A 67 19.31 29.87 2.23
C VAL A 67 20.80 29.99 2.64
N ASN A 68 21.14 29.83 3.95
CA ASN A 68 22.54 29.89 4.44
C ASN A 68 23.13 28.49 4.19
N ASN A 69 22.92 28.02 2.94
CA ASN A 69 23.18 26.72 2.34
C ASN A 69 22.69 25.57 3.24
N THR A 70 21.47 25.81 3.78
CA THR A 70 20.67 24.91 4.61
C THR A 70 19.48 24.59 3.71
N THR A 71 19.09 23.30 3.60
CA THR A 71 17.89 22.98 2.82
C THR A 71 16.70 23.43 3.65
N VAL A 72 15.81 24.23 3.04
CA VAL A 72 14.66 24.81 3.73
C VAL A 72 13.34 24.46 3.06
N ALA A 73 12.25 24.56 3.86
CA ALA A 73 10.87 24.40 3.45
C ALA A 73 10.24 25.78 3.58
N VAL A 74 9.82 26.35 2.46
CA VAL A 74 9.19 27.66 2.44
C VAL A 74 7.69 27.41 2.27
N LYS A 75 6.89 27.74 3.30
CA LYS A 75 5.44 27.57 3.29
C LYS A 75 4.82 28.91 3.01
N LYS A 76 4.25 29.07 1.81
CA LYS A 76 3.56 30.29 1.34
C LYS A 76 2.07 30.11 1.69
N LEU A 77 1.49 31.11 2.37
CA LEU A 77 0.09 31.05 2.82
C LEU A 77 -0.85 31.79 1.88
N GLU A 86 -6.45 37.37 6.18
CA GLU A 86 -7.23 37.86 7.31
C GLU A 86 -7.05 36.95 8.54
N GLU A 87 -7.77 35.80 8.59
CA GLU A 87 -7.65 34.81 9.66
C GLU A 87 -6.38 33.98 9.42
N LEU A 88 -5.88 34.02 8.17
CA LEU A 88 -4.66 33.38 7.68
C LEU A 88 -3.46 34.08 8.35
N LYS A 89 -3.54 35.41 8.53
CA LYS A 89 -2.52 36.21 9.21
C LYS A 89 -2.52 35.88 10.70
N GLN A 90 -3.71 35.63 11.29
CA GLN A 90 -3.87 35.25 12.70
C GLN A 90 -3.24 33.89 12.99
N GLN A 91 -3.31 32.96 12.01
CA GLN A 91 -2.72 31.62 12.10
C GLN A 91 -1.20 31.69 11.90
N PHE A 92 -0.73 32.69 11.12
CA PHE A 92 0.68 32.97 10.85
C PHE A 92 1.31 33.50 12.13
N ASP A 93 0.64 34.47 12.80
CA ASP A 93 1.06 35.11 14.03
C ASP A 93 1.14 34.08 15.18
N GLN A 94 0.15 33.15 15.23
CA GLN A 94 0.06 32.08 16.23
C GLN A 94 1.19 31.06 16.02
N GLU A 95 1.53 30.77 14.75
CA GLU A 95 2.61 29.84 14.39
C GLU A 95 3.95 30.33 14.95
N ILE A 96 4.25 31.64 14.77
CA ILE A 96 5.49 32.26 15.27
C ILE A 96 5.48 32.32 16.80
N LYS A 97 4.35 32.71 17.42
CA LYS A 97 4.17 32.80 18.87
C LYS A 97 4.43 31.45 19.59
N VAL A 98 3.88 30.33 19.06
CA VAL A 98 4.06 28.98 19.61
C VAL A 98 5.52 28.51 19.38
N MET A 99 6.07 28.73 18.16
CA MET A 99 7.44 28.35 17.78
C MET A 99 8.51 29.08 18.59
N ALA A 100 8.19 30.31 19.06
CA ALA A 100 9.08 31.15 19.85
C ALA A 100 9.40 30.50 21.20
N LYS A 101 8.37 29.95 21.88
CA LYS A 101 8.54 29.28 23.18
C LYS A 101 8.75 27.76 23.11
N CYS A 102 8.29 27.09 22.02
CA CYS A 102 8.38 25.63 21.89
C CYS A 102 9.44 25.15 20.90
N GLN A 103 10.59 24.73 21.46
CA GLN A 103 11.73 24.16 20.74
C GLN A 103 12.05 22.79 21.33
N HIS A 104 11.86 21.72 20.53
CA HIS A 104 12.05 20.34 20.98
C HIS A 104 12.53 19.47 19.80
N GLU A 105 13.15 18.31 20.07
CA GLU A 105 13.65 17.39 19.04
C GLU A 105 12.49 16.74 18.21
N ASN A 106 11.27 16.78 18.75
CA ASN A 106 10.10 16.20 18.10
C ASN A 106 9.10 17.23 17.64
N LEU A 107 9.58 18.44 17.35
CA LEU A 107 8.76 19.52 16.80
C LEU A 107 9.58 20.13 15.69
N VAL A 108 8.92 20.51 14.59
CA VAL A 108 9.59 21.17 13.46
C VAL A 108 10.32 22.43 13.94
N GLU A 109 11.42 22.80 13.27
CA GLU A 109 12.11 24.02 13.66
C GLU A 109 11.85 25.15 12.66
N LEU A 110 11.21 26.22 13.13
CA LEU A 110 10.98 27.43 12.36
C LEU A 110 12.30 28.24 12.40
N LEU A 111 12.77 28.68 11.24
CA LEU A 111 13.99 29.44 11.11
C LEU A 111 13.67 30.90 10.90
N GLY A 112 12.61 31.16 10.16
CA GLY A 112 12.23 32.54 9.86
C GLY A 112 10.85 32.72 9.26
N PHE A 113 10.60 33.91 8.76
CA PHE A 113 9.33 34.31 8.16
C PHE A 113 9.53 35.48 7.19
N SER A 114 8.46 35.84 6.47
CA SER A 114 8.38 36.98 5.58
C SER A 114 6.96 37.53 5.65
N SER A 115 6.84 38.83 5.90
CA SER A 115 5.54 39.50 5.97
C SER A 115 5.51 40.72 5.07
N ASP A 116 6.61 41.51 5.04
CA ASP A 116 6.75 42.71 4.18
C ASP A 116 7.02 42.26 2.74
N GLY A 117 5.99 41.66 2.14
CA GLY A 117 5.94 41.12 0.79
C GLY A 117 4.51 40.90 0.36
N ASP A 118 4.26 39.99 -0.61
CA ASP A 118 2.89 39.75 -1.07
C ASP A 118 2.54 38.25 -1.25
N ASP A 119 2.40 37.45 -0.15
CA ASP A 119 2.67 37.73 1.28
C ASP A 119 2.46 36.52 2.17
N LEU A 120 3.06 36.58 3.37
CA LEU A 120 3.03 35.58 4.45
C LEU A 120 3.67 34.25 4.05
N CYS A 121 4.95 34.12 4.45
CA CYS A 121 5.82 32.96 4.27
C CYS A 121 6.41 32.56 5.62
N LEU A 122 6.53 31.25 5.85
CA LEU A 122 7.13 30.67 7.04
C LEU A 122 8.26 29.74 6.58
N VAL A 123 9.47 29.93 7.13
CA VAL A 123 10.68 29.18 6.75
C VAL A 123 11.09 28.20 7.86
N TYR A 124 11.23 26.93 7.49
CA TYR A 124 11.59 25.85 8.41
C TYR A 124 12.75 25.08 7.85
N VAL A 125 13.37 24.23 8.69
CA VAL A 125 14.39 23.30 8.21
C VAL A 125 13.57 22.20 7.48
N TYR A 126 13.99 21.88 6.25
CA TYR A 126 13.36 20.91 5.37
C TYR A 126 13.37 19.51 5.98
N MET A 127 12.21 18.83 5.87
CA MET A 127 11.94 17.48 6.36
C MET A 127 11.93 16.60 5.13
N PRO A 128 13.09 15.96 4.83
CA PRO A 128 13.23 15.23 3.57
C PRO A 128 12.34 14.02 3.36
N ASN A 129 11.82 13.43 4.42
CA ASN A 129 10.98 12.25 4.32
C ASN A 129 9.46 12.56 4.43
N GLY A 130 9.10 13.82 4.18
CA GLY A 130 7.72 14.32 4.17
C GLY A 130 6.88 14.01 5.39
N SER A 131 5.61 13.63 5.17
CA SER A 131 4.71 13.33 6.29
C SER A 131 4.58 11.85 6.60
N LEU A 132 4.08 11.55 7.80
CA LEU A 132 3.80 10.19 8.22
C LEU A 132 2.70 9.62 7.32
N LEU A 133 1.67 10.45 6.97
CA LEU A 133 0.56 10.07 6.09
C LEU A 133 1.06 9.52 4.77
N ASP A 134 1.99 10.26 4.11
CA ASP A 134 2.55 9.91 2.80
C ASP A 134 3.36 8.65 2.82
N ARG A 135 4.14 8.47 3.88
CA ARG A 135 5.00 7.31 4.08
C ARG A 135 4.19 6.06 4.38
N LEU A 136 3.07 6.22 5.10
CA LEU A 136 2.14 5.11 5.38
C LEU A 136 1.46 4.65 4.08
N SER A 137 1.20 5.60 3.16
CA SER A 137 0.56 5.26 1.91
C SER A 137 1.58 4.90 0.82
N CYS A 138 2.91 5.00 1.14
CA CYS A 138 4.03 4.73 0.22
C CYS A 138 3.94 5.60 -1.01
N LEU A 139 3.52 6.85 -0.82
CA LEU A 139 3.36 7.81 -1.89
C LEU A 139 4.67 7.96 -2.69
N ASP A 140 4.54 7.99 -4.02
CA ASP A 140 5.64 8.20 -4.98
C ASP A 140 6.66 7.05 -5.01
N GLY A 141 6.26 5.90 -4.47
CA GLY A 141 7.04 4.66 -4.53
C GLY A 141 8.02 4.41 -3.43
N THR A 142 7.89 5.11 -2.31
CA THR A 142 8.79 4.97 -1.18
C THR A 142 8.54 3.62 -0.50
N PRO A 143 9.57 2.97 0.08
CA PRO A 143 9.32 1.65 0.71
C PRO A 143 8.44 1.74 1.94
N PRO A 144 7.63 0.68 2.27
CA PRO A 144 6.79 0.77 3.49
C PRO A 144 7.62 0.90 4.74
N LEU A 145 7.10 1.52 5.79
CA LEU A 145 7.85 1.65 7.04
C LEU A 145 7.81 0.31 7.77
N SER A 146 8.90 -0.07 8.42
CA SER A 146 8.94 -1.31 9.18
C SER A 146 8.32 -1.02 10.52
N TRP A 147 7.97 -2.07 11.28
CA TRP A 147 7.39 -1.98 12.61
C TRP A 147 8.31 -1.26 13.58
N HIS A 148 9.60 -1.59 13.51
CA HIS A 148 10.67 -0.96 14.26
C HIS A 148 10.64 0.57 14.02
N MET A 149 10.64 1.04 12.73
CA MET A 149 10.56 2.48 12.37
CA MET A 149 10.59 2.48 12.48
C MET A 149 9.26 3.08 12.95
N ARG A 150 8.14 2.34 12.80
CA ARG A 150 6.82 2.80 13.24
C ARG A 150 6.73 3.01 14.79
N CYS A 151 7.38 2.12 15.59
CA CYS A 151 7.47 2.23 17.05
C CYS A 151 8.24 3.48 17.48
N LYS A 152 9.38 3.75 16.84
CA LYS A 152 10.24 4.93 17.06
C LYS A 152 9.47 6.24 16.69
N ILE A 153 8.61 6.18 15.65
CA ILE A 153 7.80 7.33 15.20
C ILE A 153 6.68 7.59 16.19
N ALA A 154 5.95 6.54 16.66
CA ALA A 154 4.87 6.69 17.64
C ALA A 154 5.42 7.30 18.94
N GLN A 155 6.61 6.82 19.38
CA GLN A 155 7.35 7.30 20.57
C GLN A 155 7.75 8.76 20.38
N GLY A 156 8.39 9.06 19.26
CA GLY A 156 8.79 10.41 18.90
C GLY A 156 7.62 11.38 18.86
N ALA A 157 6.53 11.02 18.17
CA ALA A 157 5.32 11.86 18.10
C ALA A 157 4.76 12.19 19.49
N ALA A 158 4.73 11.17 20.41
CA ALA A 158 4.24 11.27 21.79
C ALA A 158 5.09 12.19 22.63
N ASN A 159 6.44 12.16 22.43
CA ASN A 159 7.41 13.01 23.13
C ASN A 159 7.22 14.46 22.71
N GLY A 160 6.90 14.67 21.43
CA GLY A 160 6.59 15.98 20.88
C GLY A 160 5.35 16.61 21.48
N ILE A 161 4.26 15.83 21.61
CA ILE A 161 2.98 16.23 22.21
C ILE A 161 3.14 16.46 23.69
N ASN A 162 3.96 15.63 24.37
CA ASN A 162 4.23 15.79 25.80
C ASN A 162 4.86 17.14 26.09
N PHE A 163 5.83 17.55 25.26
CA PHE A 163 6.50 18.84 25.39
C PHE A 163 5.47 19.97 25.28
N LEU A 164 4.60 19.92 24.27
CA LEU A 164 3.57 20.92 24.02
C LEU A 164 2.65 21.13 25.22
N HIS A 165 2.11 20.02 25.77
CA HIS A 165 1.23 19.99 26.94
C HIS A 165 1.92 20.47 28.23
N GLU A 166 3.22 20.13 28.43
CA GLU A 166 4.03 20.56 29.60
C GLU A 166 4.16 22.08 29.53
N ASN A 167 4.25 22.63 28.29
CA ASN A 167 4.36 24.05 27.96
C ASN A 167 2.99 24.72 27.71
N HIS A 168 1.92 24.05 28.19
CA HIS A 168 0.52 24.49 28.22
C HIS A 168 -0.07 24.91 26.85
N HIS A 169 0.20 24.11 25.82
CA HIS A 169 -0.32 24.29 24.46
C HIS A 169 -1.15 23.08 24.02
N ILE A 170 -2.28 23.36 23.36
CA ILE A 170 -3.20 22.37 22.80
C ILE A 170 -3.02 22.57 21.30
N HIS A 171 -2.58 21.51 20.60
CA HIS A 171 -2.30 21.55 19.18
C HIS A 171 -3.57 21.81 18.32
N ARG A 172 -4.64 21.01 18.56
CA ARG A 172 -5.97 21.07 17.92
C ARG A 172 -6.03 20.45 16.50
N ASP A 173 -4.90 19.95 15.94
CA ASP A 173 -4.92 19.29 14.62
C ASP A 173 -3.84 18.20 14.53
N ILE A 174 -3.87 17.28 15.52
CA ILE A 174 -2.95 16.15 15.53
C ILE A 174 -3.47 15.17 14.46
N LYS A 175 -2.59 14.82 13.54
CA LYS A 175 -2.87 13.92 12.43
C LYS A 175 -1.56 13.54 11.75
N SER A 176 -1.54 12.41 11.04
CA SER A 176 -0.35 11.90 10.34
C SER A 176 0.20 12.85 9.24
N ALA A 177 -0.66 13.73 8.67
CA ALA A 177 -0.22 14.75 7.69
C ALA A 177 0.60 15.85 8.40
N ASN A 178 0.41 16.02 9.74
CA ASN A 178 1.11 16.99 10.59
C ASN A 178 2.27 16.40 11.41
N ILE A 179 2.60 15.12 11.16
CA ILE A 179 3.74 14.43 11.77
C ILE A 179 4.75 14.29 10.65
N LEU A 180 5.81 15.11 10.74
CA LEU A 180 6.82 15.13 9.70
C LEU A 180 8.02 14.29 10.07
N LEU A 181 8.79 13.86 9.05
CA LEU A 181 9.91 12.92 9.16
C LEU A 181 11.18 13.49 8.56
N ASP A 182 12.24 13.55 9.37
CA ASP A 182 13.52 14.07 8.99
C ASP A 182 14.40 12.99 8.32
N GLU A 183 15.68 13.31 8.05
CA GLU A 183 16.73 12.47 7.46
C GLU A 183 16.97 11.15 8.24
N ALA A 184 16.51 11.06 9.49
CA ALA A 184 16.66 9.86 10.28
C ALA A 184 15.32 9.26 10.58
N PHE A 185 14.25 9.79 9.93
CA PHE A 185 12.86 9.38 10.15
C PHE A 185 12.39 9.67 11.59
N THR A 186 12.92 10.74 12.18
CA THR A 186 12.52 11.22 13.50
C THR A 186 11.20 11.99 13.31
N ALA A 187 10.19 11.67 14.12
CA ALA A 187 8.87 12.33 14.08
C ALA A 187 8.96 13.77 14.62
N LYS A 188 8.39 14.74 13.88
CA LYS A 188 8.41 16.16 14.20
C LYS A 188 6.98 16.70 14.02
N ILE A 189 6.33 17.13 15.10
CA ILE A 189 4.97 17.67 15.02
C ILE A 189 5.05 19.04 14.36
N SER A 190 4.11 19.34 13.44
CA SER A 190 4.03 20.60 12.71
C SER A 190 2.63 21.17 12.80
N ASP A 191 2.45 22.38 12.22
CA ASP A 191 1.20 23.15 12.12
C ASP A 191 0.64 23.57 13.48
N PHE A 192 1.09 24.73 13.95
CA PHE A 192 0.69 25.31 15.24
C PHE A 192 -0.22 26.57 15.05
N GLY A 193 -0.72 26.74 13.83
CA GLY A 193 -1.59 27.86 13.47
C GLY A 193 -2.91 27.96 14.24
N LEU A 194 -3.48 26.79 14.59
CA LEU A 194 -4.74 26.66 15.35
C LEU A 194 -4.51 26.40 16.85
N ALA A 195 -3.24 26.37 17.30
CA ALA A 195 -2.91 26.10 18.71
C ALA A 195 -3.45 27.17 19.67
N ARG A 196 -3.74 26.72 20.92
CA ARG A 196 -4.30 27.51 22.01
C ARG A 196 -3.54 27.29 23.30
N ALA A 197 -3.41 28.36 24.11
CA ALA A 197 -2.74 28.32 25.41
C ALA A 197 -3.75 28.09 26.51
N GLN A 203 -9.84 21.45 30.12
CA GLN A 203 -11.26 21.55 29.76
C GLN A 203 -11.87 22.92 30.09
N THR A 204 -13.23 22.99 30.18
CA THR A 204 -14.11 24.14 30.49
C THR A 204 -14.09 25.27 29.41
N VAL A 205 -13.12 25.23 28.46
CA VAL A 205 -12.97 26.21 27.38
C VAL A 205 -13.83 25.81 26.16
N MET A 206 -14.55 26.79 25.58
CA MET A 206 -15.43 26.64 24.42
C MET A 206 -15.06 27.62 23.28
N TPO A 207 -15.45 27.28 22.03
CA TPO A 207 -15.22 28.10 20.83
CB TPO A 207 -13.86 27.87 20.04
CG2 TPO A 207 -13.71 26.46 19.42
OG1 TPO A 207 -13.63 28.82 18.95
P TPO A 207 -13.06 30.28 19.26
O1P TPO A 207 -14.20 31.30 19.13
O2P TPO A 207 -12.35 30.45 20.63
O3P TPO A 207 -12.03 30.65 18.18
C TPO A 207 -16.41 28.05 19.86
O TPO A 207 -17.04 27.00 19.70
N SEP A 208 -16.69 29.20 19.20
CA SEP A 208 -17.78 29.32 18.23
CB SEP A 208 -18.48 30.68 18.29
OG SEP A 208 -17.57 31.75 18.04
C SEP A 208 -17.29 28.95 16.82
O SEP A 208 -18.11 28.78 15.91
P SEP A 208 -18.20 33.14 18.23
O1P SEP A 208 -19.35 33.45 17.23
O2P SEP A 208 -16.99 34.07 18.02
O3P SEP A 208 -18.80 33.37 19.64
N ARG A 209 -15.95 28.82 16.63
CA ARG A 209 -15.31 28.40 15.38
C ARG A 209 -14.63 27.06 15.60
N ILE A 210 -15.39 25.97 15.37
CA ILE A 210 -14.95 24.59 15.52
C ILE A 210 -13.95 24.28 14.41
N VAL A 211 -12.71 23.92 14.79
CA VAL A 211 -11.61 23.63 13.83
C VAL A 211 -10.92 22.27 14.12
N GLY A 212 -10.27 21.73 13.09
CA GLY A 212 -9.55 20.46 13.12
C GLY A 212 -9.97 19.57 11.97
N THR A 213 -9.52 18.28 11.97
CA THR A 213 -9.87 17.32 10.92
C THR A 213 -10.86 16.30 11.48
N THR A 214 -12.09 16.27 10.93
CA THR A 214 -13.24 15.47 11.39
C THR A 214 -12.89 14.02 11.76
N ALA A 215 -12.12 13.31 10.88
CA ALA A 215 -11.74 11.90 11.06
C ALA A 215 -10.81 11.64 12.27
N TYR A 216 -10.20 12.72 12.78
CA TYR A 216 -9.29 12.72 13.93
C TYR A 216 -9.87 13.37 15.19
N MET A 217 -11.00 14.04 15.07
CA MET A 217 -11.56 14.81 16.18
C MET A 217 -12.32 14.01 17.23
N ALA A 218 -12.07 14.36 18.51
CA ALA A 218 -12.77 13.83 19.68
C ALA A 218 -14.20 14.39 19.67
N PRO A 219 -15.19 13.65 20.21
CA PRO A 219 -16.57 14.18 20.21
C PRO A 219 -16.71 15.59 20.78
N GLU A 220 -15.99 15.92 21.86
CA GLU A 220 -16.07 17.24 22.49
C GLU A 220 -15.46 18.36 21.60
N ALA A 221 -14.43 18.03 20.80
CA ALA A 221 -13.78 18.97 19.87
C ALA A 221 -14.75 19.33 18.73
N LEU A 222 -15.54 18.34 18.27
CA LEU A 222 -16.57 18.53 17.24
C LEU A 222 -17.73 19.40 17.71
N ARG A 223 -17.85 19.60 19.03
CA ARG A 223 -18.88 20.43 19.65
C ARG A 223 -18.34 21.81 20.09
N GLY A 224 -17.03 22.02 19.96
CA GLY A 224 -16.42 23.30 20.29
C GLY A 224 -15.59 23.40 21.55
N GLU A 225 -15.39 22.30 22.28
CA GLU A 225 -14.57 22.34 23.50
C GLU A 225 -13.11 22.31 23.13
N ILE A 226 -12.30 23.08 23.86
CA ILE A 226 -10.87 23.14 23.67
C ILE A 226 -10.22 22.52 24.90
N THR A 227 -9.62 21.34 24.72
CA THR A 227 -8.97 20.61 25.81
C THR A 227 -7.77 19.82 25.30
N PRO A 228 -6.68 19.69 26.11
CA PRO A 228 -5.54 18.87 25.66
C PRO A 228 -5.93 17.38 25.52
N LYS A 229 -7.09 16.99 26.10
CA LYS A 229 -7.66 15.63 26.05
C LYS A 229 -8.10 15.28 24.64
N SER A 230 -8.38 16.31 23.82
CA SER A 230 -8.78 16.15 22.43
C SER A 230 -7.59 15.75 21.57
N ASP A 231 -6.36 16.20 21.95
CA ASP A 231 -5.09 15.86 21.28
C ASP A 231 -4.79 14.39 21.52
N ILE A 232 -5.15 13.89 22.72
CA ILE A 232 -4.97 12.48 23.10
C ILE A 232 -5.82 11.58 22.16
N TYR A 233 -7.10 11.96 21.96
CA TYR A 233 -8.01 11.25 21.06
C TYR A 233 -7.43 11.16 19.64
N SER A 234 -7.00 12.31 19.07
CA SER A 234 -6.44 12.43 17.71
C SER A 234 -5.20 11.57 17.55
N PHE A 235 -4.38 11.50 18.61
CA PHE A 235 -3.17 10.66 18.66
C PHE A 235 -3.52 9.17 18.63
N GLY A 236 -4.66 8.79 19.22
CA GLY A 236 -5.17 7.42 19.20
C GLY A 236 -5.46 6.97 17.78
N VAL A 237 -6.05 7.88 16.96
CA VAL A 237 -6.37 7.69 15.54
C VAL A 237 -5.06 7.51 14.77
N VAL A 238 -4.03 8.34 15.10
CA VAL A 238 -2.71 8.26 14.46
C VAL A 238 -2.09 6.89 14.75
N LEU A 239 -2.22 6.38 16.00
CA LEU A 239 -1.72 5.04 16.37
C LEU A 239 -2.39 3.95 15.58
N LEU A 240 -3.70 4.10 15.30
CA LEU A 240 -4.42 3.15 14.45
C LEU A 240 -3.93 3.20 13.00
N GLU A 241 -3.58 4.42 12.49
CA GLU A 241 -3.01 4.58 11.14
C GLU A 241 -1.67 3.91 11.02
N ILE A 242 -0.82 4.02 12.07
CA ILE A 242 0.50 3.40 12.12
C ILE A 242 0.35 1.87 12.13
N ILE A 243 -0.60 1.32 12.92
CA ILE A 243 -0.78 -0.14 13.01
C ILE A 243 -1.33 -0.75 11.71
N THR A 244 -2.32 -0.08 11.12
CA THR A 244 -3.06 -0.58 9.96
C THR A 244 -2.55 -0.13 8.59
N GLY A 245 -1.86 1.01 8.52
CA GLY A 245 -1.43 1.59 7.25
C GLY A 245 -2.60 2.21 6.49
N LEU A 246 -3.78 2.21 7.12
CA LEU A 246 -5.01 2.74 6.55
C LEU A 246 -5.19 4.22 6.86
N PRO A 247 -5.67 5.02 5.88
CA PRO A 247 -5.97 6.43 6.19
C PRO A 247 -7.18 6.57 7.15
N ALA A 248 -7.23 7.63 7.98
CA ALA A 248 -8.31 7.87 8.96
C ALA A 248 -9.73 7.93 8.35
N VAL A 249 -9.83 8.42 7.11
CA VAL A 249 -11.06 8.48 6.34
C VAL A 249 -10.80 7.95 4.88
N ASP A 250 -11.75 7.20 4.36
CA ASP A 250 -11.71 6.71 2.99
C ASP A 250 -13.15 6.57 2.56
N GLU A 251 -13.60 7.41 1.61
CA GLU A 251 -14.97 7.43 1.10
C GLU A 251 -15.38 6.08 0.51
N HIS A 252 -14.42 5.45 -0.20
CA HIS A 252 -14.59 4.20 -0.93
C HIS A 252 -14.20 2.98 -0.10
N ARG A 253 -14.30 3.09 1.23
CA ARG A 253 -13.99 2.01 2.16
C ARG A 253 -15.15 1.78 3.14
N GLU A 254 -15.27 0.54 3.65
CA GLU A 254 -16.23 0.13 4.66
C GLU A 254 -15.45 -0.49 5.82
N PRO A 255 -15.41 0.15 7.03
CA PRO A 255 -16.02 1.45 7.39
C PRO A 255 -15.18 2.62 6.89
N GLN A 256 -15.83 3.73 6.58
CA GLN A 256 -15.20 4.95 6.05
C GLN A 256 -14.20 5.54 7.04
N LEU A 257 -14.57 5.54 8.33
CA LEU A 257 -13.76 6.09 9.40
C LEU A 257 -12.99 5.00 10.10
N LEU A 258 -11.69 5.21 10.25
CA LEU A 258 -10.79 4.27 10.91
C LEU A 258 -11.16 3.99 12.35
N LEU A 259 -11.50 5.03 13.16
CA LEU A 259 -11.86 4.88 14.56
C LEU A 259 -12.98 3.87 14.78
N ASP A 260 -13.81 3.60 13.72
CA ASP A 260 -14.89 2.61 13.71
C ASP A 260 -14.37 1.17 13.87
N ILE A 261 -13.05 0.90 13.64
CA ILE A 261 -12.50 -0.45 13.79
C ILE A 261 -12.40 -0.83 15.27
N LYS A 262 -12.24 0.18 16.16
CA LYS A 262 -12.13 0.02 17.61
C LYS A 262 -13.36 -0.71 18.15
N GLU A 263 -14.55 -0.33 17.61
CA GLU A 263 -15.83 -0.93 18.00
C GLU A 263 -15.95 -2.34 17.43
N GLU A 264 -15.48 -2.56 16.18
CA GLU A 264 -15.49 -3.88 15.54
C GLU A 264 -14.66 -4.87 16.35
N ILE A 265 -13.48 -4.43 16.86
CA ILE A 265 -12.59 -5.21 17.71
C ILE A 265 -13.24 -5.48 19.08
N GLU A 266 -13.83 -4.42 19.69
CA GLU A 266 -14.49 -4.51 21.00
C GLU A 266 -15.78 -5.36 20.99
N ASP A 267 -16.44 -5.49 19.82
CA ASP A 267 -17.65 -6.28 19.68
C ASP A 267 -17.35 -7.73 19.25
N GLU A 268 -16.05 -8.11 19.24
CA GLU A 268 -15.48 -9.42 18.86
C GLU A 268 -15.77 -9.80 17.39
N GLU A 269 -16.25 -8.81 16.61
CA GLU A 269 -16.57 -8.90 15.18
C GLU A 269 -15.27 -8.99 14.35
N LYS A 270 -14.19 -8.37 14.86
CA LYS A 270 -12.87 -8.34 14.26
C LYS A 270 -11.79 -8.42 15.35
N THR A 271 -10.54 -8.68 14.93
CA THR A 271 -9.35 -8.72 15.77
C THR A 271 -8.38 -7.66 15.25
N ILE A 272 -7.45 -7.17 16.10
CA ILE A 272 -6.47 -6.18 15.64
C ILE A 272 -5.57 -6.84 14.53
N GLU A 273 -5.35 -8.18 14.62
CA GLU A 273 -4.58 -9.01 13.67
C GLU A 273 -5.13 -8.96 12.24
N ASP A 274 -6.46 -8.83 12.07
CA ASP A 274 -7.09 -8.70 10.75
C ASP A 274 -6.75 -7.32 10.15
N TYR A 275 -6.37 -6.35 10.99
CA TYR A 275 -6.16 -4.99 10.55
C TYR A 275 -4.68 -4.55 10.44
N ILE A 276 -3.73 -5.30 11.07
CA ILE A 276 -2.28 -5.01 10.99
C ILE A 276 -1.89 -4.79 9.54
N ASP A 277 -1.10 -3.76 9.26
CA ASP A 277 -0.62 -3.46 7.92
C ASP A 277 0.21 -4.66 7.42
N LYS A 278 -0.12 -5.18 6.22
CA LYS A 278 0.51 -6.34 5.60
C LYS A 278 1.81 -5.99 4.86
N LYS A 279 2.14 -4.70 4.83
CA LYS A 279 3.35 -4.18 4.21
C LYS A 279 4.51 -4.09 5.22
N MET A 280 4.58 -5.07 6.13
CA MET A 280 5.63 -5.17 7.17
C MET A 280 5.97 -6.63 7.33
N ASN A 281 7.21 -6.96 7.72
CA ASN A 281 7.62 -8.35 7.98
C ASN A 281 8.12 -8.53 9.42
N ASP A 282 8.37 -7.42 10.14
CA ASP A 282 9.00 -7.38 11.46
C ASP A 282 8.06 -7.07 12.65
N ALA A 283 6.75 -7.05 12.43
CA ALA A 283 5.79 -6.82 13.51
C ALA A 283 5.63 -8.07 14.40
N ASP A 284 5.40 -7.86 15.70
CA ASP A 284 5.14 -8.97 16.63
C ASP A 284 3.90 -8.63 17.41
N SER A 285 3.12 -9.66 17.73
CA SER A 285 1.86 -9.62 18.46
C SER A 285 1.91 -8.79 19.76
N THR A 286 2.90 -9.04 20.65
CA THR A 286 3.07 -8.33 21.91
C THR A 286 3.19 -6.81 21.75
N SER A 287 4.08 -6.33 20.88
CA SER A 287 4.19 -4.88 20.71
C SER A 287 3.01 -4.27 19.93
N VAL A 288 2.42 -5.01 18.95
CA VAL A 288 1.26 -4.49 18.21
C VAL A 288 0.07 -4.30 19.18
N GLU A 289 -0.11 -5.28 20.10
CA GLU A 289 -1.16 -5.31 21.11
C GLU A 289 -0.94 -4.22 22.13
N ALA A 290 0.32 -4.01 22.53
CA ALA A 290 0.68 -2.97 23.46
C ALA A 290 0.33 -1.61 22.81
N MET A 291 0.64 -1.42 21.50
CA MET A 291 0.32 -0.16 20.82
C MET A 291 -1.19 0.03 20.60
N TYR A 292 -1.93 -1.07 20.32
CA TYR A 292 -3.38 -0.99 20.14
C TYR A 292 -4.05 -0.65 21.46
N SER A 293 -3.58 -1.23 22.58
CA SER A 293 -4.09 -0.94 23.92
C SER A 293 -3.96 0.58 24.24
N VAL A 294 -2.82 1.21 23.86
CA VAL A 294 -2.59 2.66 24.03
C VAL A 294 -3.62 3.46 23.19
N ALA A 295 -3.78 3.09 21.89
CA ALA A 295 -4.71 3.71 20.93
C ALA A 295 -6.16 3.63 21.43
N SER A 296 -6.58 2.44 21.90
CA SER A 296 -7.89 2.14 22.46
C SER A 296 -8.15 3.02 23.70
N GLN A 297 -7.14 3.22 24.58
CA GLN A 297 -7.24 4.07 25.78
C GLN A 297 -7.38 5.54 25.40
N CYS A 298 -6.65 5.98 24.35
CA CYS A 298 -6.70 7.35 23.82
C CYS A 298 -8.08 7.65 23.24
N LEU A 299 -8.71 6.63 22.63
CA LEU A 299 -9.97 6.73 21.91
C LEU A 299 -11.24 6.58 22.77
N HIS A 300 -11.10 6.61 24.13
CA HIS A 300 -12.25 6.56 25.03
CA HIS A 300 -12.28 6.54 24.97
C HIS A 300 -13.12 7.77 24.69
N GLU A 301 -14.43 7.55 24.48
CA GLU A 301 -15.38 8.61 24.15
C GLU A 301 -15.47 9.68 25.23
N LYS A 302 -15.37 9.29 26.53
CA LYS A 302 -15.36 10.20 27.68
C LYS A 302 -13.93 10.77 27.82
N LYS A 303 -13.75 12.10 27.74
CA LYS A 303 -12.45 12.77 27.81
C LYS A 303 -11.68 12.55 29.12
N ASN A 304 -12.40 12.37 30.21
CA ASN A 304 -11.84 12.16 31.56
C ASN A 304 -11.27 10.75 31.77
N LYS A 305 -11.80 9.77 31.02
CA LYS A 305 -11.37 8.37 31.06
C LYS A 305 -10.08 8.13 30.23
N ARG A 306 -9.69 9.12 29.39
CA ARG A 306 -8.49 9.06 28.55
C ARG A 306 -7.22 9.23 29.38
N PRO A 307 -6.11 8.53 29.04
CA PRO A 307 -4.84 8.77 29.76
C PRO A 307 -4.26 10.13 29.40
N ASP A 308 -3.37 10.68 30.26
CA ASP A 308 -2.71 11.94 29.93
C ASP A 308 -1.54 11.61 29.02
N ILE A 309 -0.88 12.64 28.43
CA ILE A 309 0.21 12.40 27.51
C ILE A 309 1.40 11.71 28.20
N LYS A 310 1.67 12.02 29.47
CA LYS A 310 2.74 11.36 30.23
C LYS A 310 2.51 9.85 30.36
N LYS A 311 1.25 9.42 30.58
CA LYS A 311 0.87 8.01 30.67
C LYS A 311 1.08 7.33 29.31
N VAL A 312 0.64 7.99 28.21
CA VAL A 312 0.77 7.52 26.83
C VAL A 312 2.27 7.31 26.47
N GLN A 313 3.08 8.34 26.72
CA GLN A 313 4.53 8.37 26.49
C GLN A 313 5.20 7.20 27.24
N GLN A 314 4.85 7.00 28.52
CA GLN A 314 5.35 5.92 29.40
C GLN A 314 4.93 4.52 28.91
N LEU A 315 3.71 4.40 28.35
CA LEU A 315 3.21 3.11 27.83
C LEU A 315 3.92 2.69 26.52
N LEU A 316 4.18 3.65 25.62
CA LEU A 316 4.88 3.41 24.34
C LEU A 316 6.36 3.05 24.58
N GLN A 317 6.92 3.54 25.70
CA GLN A 317 8.29 3.24 26.12
C GLN A 317 8.40 1.81 26.64
N GLU A 318 7.39 1.37 27.41
CA GLU A 318 7.26 0.02 27.97
C GLU A 318 7.06 -1.02 26.86
N MET A 319 6.49 -0.59 25.72
CA MET A 319 6.22 -1.40 24.53
C MET A 319 7.54 -1.86 23.88
N THR A 320 8.66 -1.15 24.15
CA THR A 320 9.98 -1.49 23.62
C THR A 320 11.00 -1.70 24.74
N ARG B 26 12.26 -34.65 -20.10
CA ARG B 26 11.36 -35.24 -19.12
C ARG B 26 11.53 -34.63 -17.71
N PHE B 27 10.66 -35.04 -16.76
CA PHE B 27 10.68 -34.56 -15.38
C PHE B 27 11.23 -35.62 -14.40
N HIS B 28 11.69 -35.16 -13.22
CA HIS B 28 12.25 -36.06 -12.20
C HIS B 28 11.23 -36.45 -11.12
N SER B 29 11.04 -37.77 -10.90
CA SER B 29 10.12 -38.27 -9.88
C SER B 29 10.79 -38.33 -8.53
N PHE B 30 10.24 -37.58 -7.57
CA PHE B 30 10.72 -37.52 -6.21
C PHE B 30 9.89 -38.39 -5.26
N SER B 31 10.51 -38.86 -4.17
CA SER B 31 9.77 -39.54 -3.14
C SER B 31 9.24 -38.41 -2.25
N PHE B 32 8.14 -38.67 -1.52
CA PHE B 32 7.56 -37.67 -0.64
C PHE B 32 8.58 -37.13 0.40
N TYR B 33 9.12 -38.02 1.29
CA TYR B 33 10.14 -37.66 2.29
C TYR B 33 11.24 -36.73 1.75
N GLU B 34 11.82 -37.04 0.55
CA GLU B 34 12.85 -36.26 -0.14
C GLU B 34 12.56 -34.76 0.04
N LEU B 35 11.30 -34.39 -0.27
CA LEU B 35 10.66 -33.10 -0.25
C LEU B 35 10.18 -32.61 1.14
N LYS B 36 10.00 -33.55 2.09
CA LYS B 36 9.63 -33.25 3.48
C LYS B 36 10.88 -32.74 4.22
N ASN B 37 12.03 -33.32 3.92
CA ASN B 37 13.26 -32.97 4.62
C ASN B 37 14.08 -31.84 3.96
N VAL B 38 13.83 -31.55 2.66
CA VAL B 38 14.46 -30.42 1.94
C VAL B 38 13.82 -29.07 2.35
N THR B 39 12.54 -29.10 2.80
CA THR B 39 11.72 -27.98 3.25
C THR B 39 11.74 -27.88 4.77
N ASN B 40 12.81 -28.45 5.43
CA ASN B 40 13.01 -28.52 6.88
C ASN B 40 11.73 -29.06 7.59
N ASN B 41 11.33 -30.29 7.19
CA ASN B 41 10.14 -31.04 7.61
C ASN B 41 8.83 -30.24 7.38
N PHE B 42 8.60 -29.82 6.13
CA PHE B 42 7.43 -29.04 5.70
C PHE B 42 7.14 -27.84 6.63
N ASP B 43 8.21 -27.20 7.17
CA ASP B 43 8.24 -26.04 8.08
C ASP B 43 7.18 -25.02 7.68
N GLU B 44 6.10 -24.97 8.47
CA GLU B 44 4.87 -24.17 8.27
C GLU B 44 4.98 -22.68 8.63
N ARG B 45 6.12 -22.24 9.21
CA ARG B 45 6.34 -20.84 9.58
C ARG B 45 6.63 -20.03 8.32
N PRO B 46 6.25 -18.73 8.27
CA PRO B 46 6.59 -17.92 7.11
C PRO B 46 8.11 -17.82 6.94
N ILE B 47 8.59 -17.77 5.67
CA ILE B 47 10.01 -17.64 5.31
C ILE B 47 10.61 -16.35 5.94
N SER B 48 9.76 -15.30 6.10
CA SER B 48 10.07 -14.00 6.70
C SER B 48 10.48 -14.08 8.18
N VAL B 49 10.07 -15.15 8.90
CA VAL B 49 10.43 -15.36 10.31
C VAL B 49 11.43 -16.53 10.47
N GLY B 50 11.86 -17.09 9.34
CA GLY B 50 12.83 -18.17 9.32
C GLY B 50 12.29 -19.56 8.98
N GLY B 51 11.00 -19.63 8.65
CA GLY B 51 10.36 -20.88 8.28
C GLY B 51 10.56 -21.24 6.83
N ASN B 52 9.67 -22.10 6.29
CA ASN B 52 9.75 -22.52 4.89
C ASN B 52 8.47 -22.21 4.08
N LYS B 53 7.38 -21.85 4.78
CA LYS B 53 6.11 -21.58 4.13
C LYS B 53 6.03 -20.21 3.46
N MET B 54 5.52 -20.19 2.23
CA MET B 54 5.25 -18.97 1.46
C MET B 54 3.79 -18.69 1.63
N GLY B 55 2.97 -19.67 1.28
CA GLY B 55 1.52 -19.57 1.41
C GLY B 55 0.74 -20.41 0.43
N GLU B 56 -0.50 -19.95 0.17
CA GLU B 56 -1.48 -20.61 -0.70
C GLU B 56 -1.28 -20.32 -2.20
N GLY B 57 -1.14 -21.39 -2.99
CA GLY B 57 -0.96 -21.36 -4.43
C GLY B 57 -1.69 -22.47 -5.17
N GLY B 58 -2.69 -22.06 -5.97
CA GLY B 58 -3.56 -22.88 -6.82
C GLY B 58 -3.74 -24.35 -6.50
N PHE B 59 -4.69 -24.65 -5.58
CA PHE B 59 -5.08 -25.98 -5.07
C PHE B 59 -4.09 -26.56 -4.04
N GLY B 60 -3.02 -25.81 -3.73
CA GLY B 60 -2.01 -26.23 -2.77
C GLY B 60 -1.29 -25.14 -1.99
N VAL B 61 -0.25 -25.56 -1.24
CA VAL B 61 0.61 -24.71 -0.40
C VAL B 61 2.07 -24.86 -0.95
N VAL B 62 2.80 -23.73 -1.02
CA VAL B 62 4.17 -23.65 -1.55
C VAL B 62 5.19 -23.39 -0.44
N TYR B 63 6.21 -24.28 -0.37
CA TYR B 63 7.34 -24.29 0.57
C TYR B 63 8.68 -24.23 -0.17
N LYS B 64 9.55 -23.31 0.28
CA LYS B 64 10.89 -23.11 -0.25
C LYS B 64 11.74 -24.24 0.30
N GLY B 65 12.39 -24.94 -0.61
CA GLY B 65 13.27 -26.06 -0.27
C GLY B 65 14.54 -25.98 -1.09
N TYR B 66 15.65 -26.47 -0.55
CA TYR B 66 16.89 -26.43 -1.28
C TYR B 66 17.27 -27.87 -1.63
N VAL B 67 17.20 -28.22 -2.94
CA VAL B 67 17.48 -29.55 -3.49
C VAL B 67 18.83 -29.57 -4.27
N ASN B 68 19.88 -30.10 -3.66
CA ASN B 68 21.21 -30.20 -4.26
C ASN B 68 21.68 -28.80 -4.72
N ASN B 69 21.54 -27.82 -3.80
CA ASN B 69 21.87 -26.39 -3.95
C ASN B 69 20.88 -25.65 -4.86
N THR B 70 19.96 -26.37 -5.53
CA THR B 70 18.91 -25.81 -6.36
C THR B 70 17.64 -25.52 -5.52
N THR B 71 17.30 -24.21 -5.33
CA THR B 71 16.09 -23.78 -4.61
C THR B 71 14.87 -24.12 -5.46
N VAL B 72 14.00 -24.94 -4.90
CA VAL B 72 12.80 -25.39 -5.55
C VAL B 72 11.56 -24.89 -4.83
N ALA B 73 10.40 -25.03 -5.47
CA ALA B 73 9.11 -24.69 -4.92
C ALA B 73 8.39 -26.00 -4.88
N VAL B 74 7.95 -26.41 -3.69
CA VAL B 74 7.24 -27.67 -3.55
C VAL B 74 5.77 -27.37 -3.34
N LYS B 75 5.00 -27.54 -4.42
CA LYS B 75 3.57 -27.30 -4.40
C LYS B 75 2.91 -28.56 -3.86
N LYS B 76 2.54 -28.48 -2.57
CA LYS B 76 1.91 -29.52 -1.76
C LYS B 76 0.39 -29.37 -1.97
N LEU B 77 -0.22 -30.34 -2.71
CA LEU B 77 -1.64 -30.33 -3.06
C LEU B 77 -2.55 -30.64 -1.87
N THR B 85 -12.28 -34.11 -4.62
CA THR B 85 -11.60 -35.41 -4.64
C THR B 85 -11.56 -35.96 -6.08
N GLU B 86 -10.50 -36.77 -6.40
CA GLU B 86 -10.22 -37.40 -7.70
C GLU B 86 -9.87 -36.38 -8.80
N GLU B 87 -10.53 -35.19 -8.78
CA GLU B 87 -10.35 -34.08 -9.71
C GLU B 87 -8.96 -33.45 -9.51
N LEU B 88 -8.41 -33.53 -8.27
CA LEU B 88 -7.09 -33.02 -7.88
C LEU B 88 -6.00 -33.76 -8.65
N LYS B 89 -6.25 -35.05 -8.96
CA LYS B 89 -5.36 -35.91 -9.73
C LYS B 89 -5.41 -35.49 -11.21
N GLN B 90 -6.63 -35.24 -11.75
CA GLN B 90 -6.81 -34.80 -13.14
C GLN B 90 -6.16 -33.44 -13.46
N GLN B 91 -6.06 -32.55 -12.45
CA GLN B 91 -5.42 -31.23 -12.52
C GLN B 91 -3.88 -31.38 -12.47
N PHE B 92 -3.39 -32.27 -11.57
CA PHE B 92 -1.97 -32.62 -11.39
C PHE B 92 -1.45 -33.22 -12.71
N ASP B 93 -2.24 -34.16 -13.30
CA ASP B 93 -1.91 -34.80 -14.57
C ASP B 93 -1.83 -33.77 -15.69
N GLN B 94 -2.81 -32.81 -15.75
CA GLN B 94 -2.91 -31.75 -16.76
C GLN B 94 -1.71 -30.79 -16.71
N GLU B 95 -1.29 -30.40 -15.49
CA GLU B 95 -0.14 -29.54 -15.24
C GLU B 95 1.11 -30.17 -15.90
N ILE B 96 1.37 -31.48 -15.64
CA ILE B 96 2.49 -32.27 -16.19
C ILE B 96 2.38 -32.36 -17.74
N LYS B 97 1.17 -32.48 -18.28
CA LYS B 97 0.92 -32.54 -19.73
C LYS B 97 1.23 -31.21 -20.46
N VAL B 98 0.78 -30.07 -19.91
CA VAL B 98 1.01 -28.72 -20.47
C VAL B 98 2.51 -28.36 -20.39
N MET B 99 3.17 -28.68 -19.24
CA MET B 99 4.58 -28.40 -18.95
C MET B 99 5.55 -29.15 -19.82
N ALA B 100 5.18 -30.37 -20.24
CA ALA B 100 5.98 -31.20 -21.12
C ALA B 100 6.02 -30.63 -22.55
N LYS B 101 4.93 -29.96 -22.96
CA LYS B 101 4.75 -29.36 -24.28
C LYS B 101 5.19 -27.89 -24.34
N CYS B 102 5.13 -27.18 -23.21
CA CYS B 102 5.36 -25.75 -23.13
C CYS B 102 6.54 -25.35 -22.27
N GLN B 103 7.63 -24.98 -22.94
CA GLN B 103 8.87 -24.47 -22.34
C GLN B 103 9.09 -23.12 -22.95
N HIS B 104 9.08 -22.09 -22.11
CA HIS B 104 9.22 -20.70 -22.51
C HIS B 104 9.69 -19.96 -21.29
N GLU B 105 10.40 -18.86 -21.48
CA GLU B 105 10.93 -18.07 -20.38
C GLU B 105 9.85 -17.37 -19.55
N ASN B 106 8.65 -17.11 -20.12
CA ASN B 106 7.56 -16.46 -19.40
C ASN B 106 6.53 -17.44 -18.87
N LEU B 107 6.95 -18.69 -18.72
CA LEU B 107 6.14 -19.74 -18.09
C LEU B 107 7.01 -20.37 -16.99
N VAL B 108 6.43 -20.72 -15.83
CA VAL B 108 7.17 -21.44 -14.76
C VAL B 108 7.74 -22.73 -15.33
N GLU B 109 8.83 -23.22 -14.78
CA GLU B 109 9.42 -24.45 -15.26
C GLU B 109 9.17 -25.56 -14.27
N LEU B 110 8.59 -26.68 -14.75
CA LEU B 110 8.36 -27.86 -13.91
C LEU B 110 9.63 -28.73 -13.96
N LEU B 111 10.23 -29.00 -12.79
CA LEU B 111 11.43 -29.85 -12.67
C LEU B 111 11.00 -31.28 -12.51
N GLY B 112 10.06 -31.49 -11.58
CA GLY B 112 9.51 -32.78 -11.24
C GLY B 112 8.29 -32.72 -10.34
N PHE B 113 8.08 -33.81 -9.58
CA PHE B 113 6.91 -34.04 -8.72
C PHE B 113 7.11 -35.22 -7.76
N SER B 114 6.12 -35.43 -6.89
CA SER B 114 6.02 -36.57 -5.96
C SER B 114 4.57 -37.04 -6.05
N SER B 115 4.37 -38.24 -6.65
CA SER B 115 3.05 -38.85 -6.90
C SER B 115 2.62 -39.94 -5.89
N ASP B 116 3.57 -40.48 -5.11
CA ASP B 116 3.28 -41.54 -4.14
C ASP B 116 3.11 -40.98 -2.72
N GLY B 117 1.85 -41.01 -2.28
CA GLY B 117 1.41 -40.49 -0.99
C GLY B 117 0.14 -39.68 -1.14
N ASP B 118 -0.59 -39.53 -0.02
CA ASP B 118 -1.87 -38.81 0.08
C ASP B 118 -1.82 -37.35 -0.40
N ASP B 119 -0.65 -36.68 -0.27
CA ASP B 119 -0.48 -35.28 -0.71
C ASP B 119 0.47 -35.23 -1.90
N LEU B 120 -0.07 -34.92 -3.10
CA LEU B 120 0.74 -34.85 -4.32
C LEU B 120 1.59 -33.60 -4.37
N CYS B 121 2.85 -33.74 -4.81
CA CYS B 121 3.74 -32.59 -4.94
C CYS B 121 4.12 -32.31 -6.40
N LEU B 122 4.34 -31.04 -6.73
CA LEU B 122 4.79 -30.58 -8.05
C LEU B 122 5.93 -29.69 -7.71
N VAL B 123 7.08 -29.95 -8.35
CA VAL B 123 8.35 -29.26 -8.10
C VAL B 123 8.71 -28.37 -9.30
N TYR B 124 9.10 -27.14 -8.99
CA TYR B 124 9.42 -26.14 -9.98
C TYR B 124 10.66 -25.45 -9.54
N VAL B 125 11.18 -24.61 -10.43
CA VAL B 125 12.27 -23.74 -10.11
C VAL B 125 11.59 -22.62 -9.28
N TYR B 126 12.14 -22.36 -8.10
CA TYR B 126 11.65 -21.36 -7.14
C TYR B 126 11.65 -19.98 -7.76
N MET B 127 10.57 -19.23 -7.52
CA MET B 127 10.41 -17.87 -8.00
C MET B 127 10.59 -17.00 -6.76
N PRO B 128 11.79 -16.39 -6.55
CA PRO B 128 12.05 -15.66 -5.30
C PRO B 128 11.21 -14.43 -4.99
N ASN B 129 10.65 -13.76 -6.00
CA ASN B 129 9.83 -12.57 -5.82
C ASN B 129 8.34 -12.85 -5.80
N GLY B 130 7.97 -14.09 -5.49
CA GLY B 130 6.57 -14.52 -5.38
C GLY B 130 5.66 -14.11 -6.50
N SER B 131 4.43 -13.65 -6.18
CA SER B 131 3.46 -13.26 -7.20
C SER B 131 3.37 -11.77 -7.44
N LEU B 132 2.85 -11.42 -8.63
CA LEU B 132 2.57 -10.05 -9.05
C LEU B 132 1.58 -9.44 -8.06
N LEU B 133 0.57 -10.22 -7.60
CA LEU B 133 -0.42 -9.78 -6.63
C LEU B 133 0.27 -9.31 -5.32
N ASP B 134 1.22 -10.11 -4.80
CA ASP B 134 1.94 -9.78 -3.58
C ASP B 134 2.84 -8.56 -3.75
N ARG B 135 3.44 -8.43 -4.93
CA ARG B 135 4.32 -7.29 -5.19
C ARG B 135 3.52 -5.99 -5.41
N LEU B 136 2.30 -6.13 -5.95
CA LEU B 136 1.44 -4.98 -6.17
C LEU B 136 0.86 -4.45 -4.85
N SER B 137 0.65 -5.35 -3.86
CA SER B 137 0.14 -4.97 -2.56
C SER B 137 1.28 -4.72 -1.55
N CYS B 138 2.54 -4.78 -2.02
CA CYS B 138 3.77 -4.58 -1.24
C CYS B 138 3.83 -5.44 0.01
N LEU B 139 3.31 -6.68 -0.09
CA LEU B 139 3.28 -7.68 0.98
C LEU B 139 4.68 -7.88 1.58
N ASP B 140 4.74 -7.93 2.93
CA ASP B 140 5.95 -8.09 3.74
C ASP B 140 6.93 -6.92 3.68
N GLY B 141 6.47 -5.78 3.16
CA GLY B 141 7.30 -4.58 3.12
C GLY B 141 8.20 -4.44 1.93
N THR B 142 7.89 -5.18 0.83
CA THR B 142 8.67 -5.09 -0.40
C THR B 142 8.45 -3.73 -1.06
N PRO B 143 9.47 -3.12 -1.72
CA PRO B 143 9.24 -1.80 -2.31
C PRO B 143 8.20 -1.80 -3.42
N PRO B 144 7.43 -0.70 -3.57
CA PRO B 144 6.44 -0.66 -4.67
C PRO B 144 7.14 -0.83 -6.03
N LEU B 145 6.47 -1.52 -6.97
CA LEU B 145 7.03 -1.74 -8.30
C LEU B 145 6.93 -0.45 -9.09
N SER B 146 8.05 -0.05 -9.73
CA SER B 146 8.10 1.15 -10.55
C SER B 146 7.26 0.92 -11.79
N TRP B 147 6.91 2.01 -12.50
CA TRP B 147 6.14 1.92 -13.74
C TRP B 147 6.90 1.14 -14.83
N HIS B 148 8.21 1.42 -14.96
CA HIS B 148 9.12 0.76 -15.91
C HIS B 148 9.09 -0.76 -15.72
N MET B 149 9.21 -1.23 -14.47
CA MET B 149 9.16 -2.66 -14.15
C MET B 149 7.78 -3.26 -14.48
N ARG B 150 6.69 -2.54 -14.12
CA ARG B 150 5.31 -2.97 -14.42
C ARG B 150 5.07 -3.18 -15.94
N CYS B 151 5.64 -2.29 -16.80
CA CYS B 151 5.59 -2.37 -18.25
C CYS B 151 6.28 -3.63 -18.75
N LYS B 152 7.45 -3.96 -18.22
CA LYS B 152 8.19 -5.19 -18.58
C LYS B 152 7.44 -6.44 -18.10
N ILE B 153 6.79 -6.36 -16.93
CA ILE B 153 6.03 -7.46 -16.36
C ILE B 153 4.81 -7.79 -17.24
N ALA B 154 4.11 -6.73 -17.73
CA ALA B 154 2.94 -6.84 -18.57
C ALA B 154 3.30 -7.47 -19.90
N GLN B 155 4.43 -7.03 -20.48
CA GLN B 155 5.00 -7.55 -21.72
C GLN B 155 5.40 -9.03 -21.57
N GLY B 156 6.12 -9.34 -20.50
CA GLY B 156 6.50 -10.71 -20.19
C GLY B 156 5.30 -11.61 -20.06
N ALA B 157 4.30 -11.20 -19.27
CA ALA B 157 3.05 -11.94 -19.07
C ALA B 157 2.30 -12.24 -20.39
N ALA B 158 2.21 -11.25 -21.30
CA ALA B 158 1.58 -11.35 -22.61
C ALA B 158 2.38 -12.31 -23.54
N ASN B 159 3.73 -12.36 -23.41
CA ASN B 159 4.61 -13.30 -24.14
C ASN B 159 4.30 -14.72 -23.68
N GLY B 160 4.10 -14.87 -22.36
CA GLY B 160 3.72 -16.12 -21.73
C GLY B 160 2.41 -16.65 -22.29
N ILE B 161 1.36 -15.79 -22.31
CA ILE B 161 0.02 -16.10 -22.83
C ILE B 161 0.04 -16.38 -24.36
N ASN B 162 0.80 -15.56 -25.11
CA ASN B 162 0.99 -15.75 -26.56
C ASN B 162 1.56 -17.13 -26.85
N PHE B 163 2.59 -17.54 -26.10
CA PHE B 163 3.22 -18.86 -26.26
C PHE B 163 2.18 -19.98 -26.03
N LEU B 164 1.32 -19.80 -25.03
CA LEU B 164 0.25 -20.73 -24.67
C LEU B 164 -0.79 -20.87 -25.77
N HIS B 165 -1.24 -19.73 -26.31
CA HIS B 165 -2.24 -19.67 -27.40
C HIS B 165 -1.68 -20.21 -28.70
N GLU B 166 -0.38 -19.92 -29.02
CA GLU B 166 0.32 -20.44 -30.18
C GLU B 166 0.37 -21.97 -30.13
N ASN B 167 0.43 -22.55 -28.91
CA ASN B 167 0.43 -23.99 -28.68
C ASN B 167 -0.97 -24.55 -28.37
N HIS B 168 -2.01 -23.85 -28.86
CA HIS B 168 -3.43 -24.21 -28.78
C HIS B 168 -3.91 -24.59 -27.36
N HIS B 169 -3.47 -23.80 -26.36
CA HIS B 169 -3.86 -23.95 -24.96
C HIS B 169 -4.55 -22.69 -24.48
N ILE B 170 -5.64 -22.86 -23.72
CA ILE B 170 -6.39 -21.80 -23.05
C ILE B 170 -6.04 -22.03 -21.58
N HIS B 171 -5.52 -20.99 -20.91
CA HIS B 171 -5.13 -21.08 -19.50
C HIS B 171 -6.35 -21.27 -18.57
N ARG B 172 -7.40 -20.42 -18.71
CA ARG B 172 -8.67 -20.43 -17.97
C ARG B 172 -8.60 -19.81 -16.56
N ASP B 173 -7.41 -19.33 -16.09
CA ASP B 173 -7.28 -18.69 -14.76
C ASP B 173 -6.14 -17.66 -14.72
N ILE B 174 -6.14 -16.76 -15.71
CA ILE B 174 -5.19 -15.66 -15.78
C ILE B 174 -5.61 -14.64 -14.73
N LYS B 175 -4.70 -14.39 -13.79
CA LYS B 175 -4.82 -13.48 -12.64
C LYS B 175 -3.43 -13.22 -12.11
N SER B 176 -3.26 -12.11 -11.39
CA SER B 176 -1.98 -11.68 -10.82
C SER B 176 -1.38 -12.65 -9.76
N ALA B 177 -2.21 -13.45 -9.07
CA ALA B 177 -1.69 -14.46 -8.13
C ALA B 177 -0.94 -15.57 -8.91
N ASN B 178 -1.37 -15.83 -10.19
CA ASN B 178 -0.81 -16.83 -11.11
C ASN B 178 0.32 -16.29 -12.00
N ILE B 179 0.78 -15.05 -11.75
CA ILE B 179 1.90 -14.47 -12.49
C ILE B 179 3.04 -14.35 -11.47
N LEU B 180 4.02 -15.25 -11.59
CA LEU B 180 5.13 -15.31 -10.66
C LEU B 180 6.31 -14.49 -11.14
N LEU B 181 7.21 -14.11 -10.22
CA LEU B 181 8.36 -13.27 -10.55
C LEU B 181 9.66 -13.84 -10.04
N ASP B 182 10.65 -13.99 -10.92
CA ASP B 182 11.97 -14.52 -10.51
C ASP B 182 12.84 -13.40 -9.95
N GLU B 183 14.13 -13.69 -9.73
CA GLU B 183 15.14 -12.76 -9.22
C GLU B 183 15.20 -11.41 -9.99
N ALA B 184 15.08 -11.44 -11.35
CA ALA B 184 15.13 -10.27 -12.25
C ALA B 184 13.75 -9.62 -12.49
N PHE B 185 12.72 -10.10 -11.78
CA PHE B 185 11.31 -9.71 -11.89
C PHE B 185 10.75 -10.10 -13.28
N THR B 186 11.28 -11.21 -13.85
CA THR B 186 10.74 -11.74 -15.13
C THR B 186 9.42 -12.43 -14.79
N ALA B 187 8.36 -12.05 -15.51
CA ALA B 187 7.00 -12.58 -15.28
C ALA B 187 6.90 -14.01 -15.77
N LYS B 188 6.31 -14.89 -14.96
CA LYS B 188 6.16 -16.28 -15.33
C LYS B 188 4.74 -16.77 -15.07
N ILE B 189 4.03 -17.15 -16.14
CA ILE B 189 2.67 -17.69 -16.04
C ILE B 189 2.75 -19.06 -15.34
N SER B 190 1.88 -19.25 -14.35
CA SER B 190 1.80 -20.50 -13.59
C SER B 190 0.36 -21.02 -13.52
N ASP B 191 0.21 -22.23 -12.96
CA ASP B 191 -1.03 -22.98 -12.70
C ASP B 191 -1.82 -23.31 -13.97
N PHE B 192 -1.48 -24.46 -14.56
CA PHE B 192 -2.04 -25.00 -15.80
C PHE B 192 -2.92 -26.26 -15.57
N GLY B 193 -3.34 -26.47 -14.32
CA GLY B 193 -4.18 -27.60 -13.93
C GLY B 193 -5.55 -27.60 -14.58
N LEU B 194 -6.07 -26.40 -14.91
CA LEU B 194 -7.38 -26.21 -15.54
C LEU B 194 -7.27 -25.85 -17.02
N ALA B 195 -6.04 -25.79 -17.55
CA ALA B 195 -5.79 -25.44 -18.96
C ALA B 195 -6.52 -26.36 -19.93
N ARG B 196 -6.96 -25.82 -21.08
CA ARG B 196 -7.66 -26.57 -22.11
C ARG B 196 -6.95 -26.54 -23.47
N ALA B 197 -6.77 -27.72 -24.08
CA ALA B 197 -6.14 -27.89 -25.39
C ALA B 197 -7.19 -27.88 -26.51
N MET B 206 -18.19 -24.97 -24.88
CA MET B 206 -19.16 -25.12 -23.78
C MET B 206 -18.84 -26.28 -22.82
N TPO B 207 -18.90 -25.99 -21.49
CA TPO B 207 -18.67 -26.93 -20.39
CB TPO B 207 -17.23 -26.86 -19.69
CG2 TPO B 207 -16.86 -25.49 -19.05
OG1 TPO B 207 -17.07 -27.88 -18.65
P TPO B 207 -16.38 -29.26 -18.98
O1P TPO B 207 -17.46 -30.36 -19.04
O2P TPO B 207 -15.60 -29.31 -20.32
O3P TPO B 207 -15.46 -29.68 -17.82
C TPO B 207 -19.79 -26.80 -19.33
O TPO B 207 -20.50 -25.79 -19.27
N SEP B 208 -19.91 -27.84 -18.46
CA SEP B 208 -20.89 -27.90 -17.36
CB SEP B 208 -21.56 -29.27 -17.30
OG SEP B 208 -20.71 -30.34 -17.78
C SEP B 208 -20.28 -27.45 -16.03
O SEP B 208 -21.00 -26.92 -15.18
P SEP B 208 -21.21 -31.77 -17.38
O1P SEP B 208 -22.24 -31.80 -16.23
O2P SEP B 208 -19.93 -32.53 -16.95
O3P SEP B 208 -21.87 -32.49 -18.59
N ARG B 209 -18.94 -27.66 -15.85
CA ARG B 209 -18.16 -27.30 -14.68
C ARG B 209 -17.46 -25.95 -14.96
N ILE B 210 -18.00 -24.86 -14.38
CA ILE B 210 -17.48 -23.50 -14.55
C ILE B 210 -16.36 -23.28 -13.55
N VAL B 211 -15.16 -23.00 -14.08
CA VAL B 211 -13.92 -22.78 -13.33
C VAL B 211 -13.25 -21.45 -13.71
N GLY B 212 -12.47 -20.93 -12.75
CA GLY B 212 -11.74 -19.67 -12.81
C GLY B 212 -11.98 -18.85 -11.57
N THR B 213 -11.56 -17.59 -11.57
CA THR B 213 -11.75 -16.64 -10.47
C THR B 213 -12.73 -15.60 -11.01
N THR B 214 -13.88 -15.45 -10.36
CA THR B 214 -14.99 -14.63 -10.86
C THR B 214 -14.66 -13.16 -11.06
N ALA B 215 -13.75 -12.59 -10.29
CA ALA B 215 -13.36 -11.18 -10.42
C ALA B 215 -12.54 -10.90 -11.71
N TYR B 216 -12.03 -11.96 -12.35
CA TYR B 216 -11.23 -11.88 -13.56
C TYR B 216 -11.93 -12.51 -14.78
N MET B 217 -13.04 -13.19 -14.58
CA MET B 217 -13.72 -13.93 -15.65
C MET B 217 -14.54 -13.10 -16.60
N ALA B 218 -14.43 -13.43 -17.91
CA ALA B 218 -15.20 -12.86 -19.02
C ALA B 218 -16.67 -13.23 -18.85
N PRO B 219 -17.66 -12.41 -19.34
CA PRO B 219 -19.07 -12.79 -19.20
C PRO B 219 -19.41 -14.19 -19.74
N GLU B 220 -18.84 -14.58 -20.91
CA GLU B 220 -19.09 -15.89 -21.51
C GLU B 220 -18.41 -17.04 -20.72
N ALA B 221 -17.29 -16.75 -20.02
CA ALA B 221 -16.57 -17.73 -19.18
C ALA B 221 -17.46 -18.12 -18.00
N LEU B 222 -18.16 -17.14 -17.43
CA LEU B 222 -19.11 -17.29 -16.33
C LEU B 222 -20.35 -18.10 -16.72
N ARG B 223 -20.60 -18.20 -18.04
CA ARG B 223 -21.73 -18.91 -18.64
C ARG B 223 -21.40 -20.35 -19.07
N GLY B 224 -20.12 -20.70 -19.12
CA GLY B 224 -19.70 -22.04 -19.50
C GLY B 224 -18.90 -22.17 -20.77
N GLU B 225 -18.68 -21.06 -21.48
CA GLU B 225 -17.88 -21.07 -22.72
C GLU B 225 -16.38 -21.23 -22.44
N ILE B 226 -15.72 -21.99 -23.31
CA ILE B 226 -14.28 -22.24 -23.30
C ILE B 226 -13.78 -21.63 -24.61
N THR B 227 -13.07 -20.50 -24.51
CA THR B 227 -12.54 -19.76 -25.66
C THR B 227 -11.25 -19.03 -25.27
N PRO B 228 -10.21 -18.99 -26.15
CA PRO B 228 -8.97 -18.25 -25.78
C PRO B 228 -9.23 -16.76 -25.50
N LYS B 229 -10.36 -16.22 -26.00
CA LYS B 229 -10.83 -14.84 -25.81
C LYS B 229 -11.11 -14.51 -24.34
N SER B 230 -11.42 -15.55 -23.52
CA SER B 230 -11.64 -15.43 -22.09
C SER B 230 -10.32 -15.09 -21.36
N ASP B 231 -9.17 -15.61 -21.85
CA ASP B 231 -7.85 -15.31 -21.31
C ASP B 231 -7.48 -13.83 -21.55
N ILE B 232 -7.89 -13.26 -22.72
CA ILE B 232 -7.64 -11.85 -23.07
C ILE B 232 -8.34 -10.92 -22.07
N TYR B 233 -9.63 -11.20 -21.77
CA TYR B 233 -10.45 -10.46 -20.81
C TYR B 233 -9.78 -10.42 -19.43
N SER B 234 -9.39 -11.61 -18.92
CA SER B 234 -8.71 -11.79 -17.63
C SER B 234 -7.38 -11.03 -17.59
N PHE B 235 -6.65 -11.00 -18.72
CA PHE B 235 -5.42 -10.23 -18.81
C PHE B 235 -5.70 -8.74 -18.70
N GLY B 236 -6.86 -8.30 -19.20
CA GLY B 236 -7.33 -6.91 -19.11
C GLY B 236 -7.49 -6.46 -17.68
N VAL B 237 -8.06 -7.36 -16.83
CA VAL B 237 -8.24 -7.13 -15.38
C VAL B 237 -6.87 -7.01 -14.71
N VAL B 238 -5.91 -7.86 -15.10
CA VAL B 238 -4.52 -7.88 -14.62
C VAL B 238 -3.86 -6.56 -14.98
N LEU B 239 -4.07 -6.06 -16.23
CA LEU B 239 -3.53 -4.75 -16.63
C LEU B 239 -4.12 -3.62 -15.81
N LEU B 240 -5.42 -3.72 -15.40
CA LEU B 240 -6.05 -2.73 -14.51
C LEU B 240 -5.41 -2.80 -13.12
N GLU B 241 -5.00 -4.01 -12.66
CA GLU B 241 -4.33 -4.17 -11.36
C GLU B 241 -2.94 -3.55 -11.40
N ILE B 242 -2.24 -3.70 -12.53
CA ILE B 242 -0.90 -3.13 -12.75
C ILE B 242 -0.95 -1.60 -12.70
N ILE B 243 -1.94 -0.96 -13.38
CA ILE B 243 -2.13 0.49 -13.41
C ILE B 243 -2.50 1.08 -12.04
N THR B 244 -3.40 0.40 -11.30
CA THR B 244 -3.99 0.93 -10.07
C THR B 244 -3.38 0.42 -8.77
N GLY B 245 -2.79 -0.77 -8.81
CA GLY B 245 -2.26 -1.42 -7.62
C GLY B 245 -3.36 -1.96 -6.74
N LEU B 246 -4.61 -1.97 -7.26
CA LEU B 246 -5.79 -2.46 -6.56
C LEU B 246 -6.10 -3.91 -6.89
N PRO B 247 -6.37 -4.77 -5.88
CA PRO B 247 -6.77 -6.16 -6.20
C PRO B 247 -8.09 -6.18 -7.00
N ALA B 248 -8.27 -7.17 -7.91
CA ALA B 248 -9.48 -7.32 -8.73
C ALA B 248 -10.79 -7.25 -7.93
N VAL B 249 -10.78 -7.80 -6.71
CA VAL B 249 -11.92 -7.78 -5.79
C VAL B 249 -11.45 -7.33 -4.38
N ASP B 250 -12.30 -6.58 -3.68
CA ASP B 250 -12.08 -6.10 -2.30
C ASP B 250 -13.46 -5.81 -1.75
N GLU B 251 -13.93 -6.69 -0.84
CA GLU B 251 -15.24 -6.66 -0.19
C GLU B 251 -15.53 -5.35 0.59
N HIS B 252 -14.45 -4.71 1.11
CA HIS B 252 -14.50 -3.47 1.90
C HIS B 252 -14.15 -2.24 1.04
N ARG B 253 -14.41 -2.34 -0.29
CA ARG B 253 -14.16 -1.26 -1.24
C ARG B 253 -15.42 -0.95 -2.05
N GLU B 254 -15.51 0.28 -2.57
CA GLU B 254 -16.58 0.78 -3.42
C GLU B 254 -15.92 1.41 -4.67
N PRO B 255 -15.99 0.78 -5.87
CA PRO B 255 -16.67 -0.49 -6.20
C PRO B 255 -15.86 -1.70 -5.72
N GLN B 256 -16.55 -2.81 -5.36
CA GLN B 256 -15.91 -4.05 -4.88
C GLN B 256 -15.08 -4.70 -6.01
N LEU B 257 -15.60 -4.63 -7.25
CA LEU B 257 -14.95 -5.18 -8.44
C LEU B 257 -14.22 -4.11 -9.24
N LEU B 258 -12.95 -4.39 -9.56
CA LEU B 258 -12.08 -3.49 -10.31
C LEU B 258 -12.56 -3.23 -11.73
N LEU B 259 -13.02 -4.27 -12.47
CA LEU B 259 -13.53 -4.12 -13.84
C LEU B 259 -14.66 -3.08 -13.95
N ASP B 260 -15.33 -2.76 -12.82
CA ASP B 260 -16.38 -1.74 -12.74
C ASP B 260 -15.81 -0.29 -12.93
N ILE B 261 -14.47 -0.08 -12.76
CA ILE B 261 -13.84 1.25 -12.93
C ILE B 261 -13.82 1.68 -14.42
N LYS B 262 -13.78 0.71 -15.35
CA LYS B 262 -13.77 0.94 -16.80
C LYS B 262 -15.08 1.63 -17.22
N GLU B 263 -16.19 1.26 -16.55
CA GLU B 263 -17.51 1.85 -16.78
C GLU B 263 -17.53 3.28 -16.26
N GLU B 264 -16.92 3.50 -15.06
CA GLU B 264 -16.80 4.82 -14.41
C GLU B 264 -16.01 5.78 -15.30
N ILE B 265 -14.91 5.28 -15.91
CA ILE B 265 -14.06 6.04 -16.82
C ILE B 265 -14.79 6.31 -18.16
N GLU B 266 -15.50 5.29 -18.71
CA GLU B 266 -16.29 5.43 -19.95
C GLU B 266 -17.49 6.39 -19.79
N ASP B 267 -18.15 6.37 -18.60
CA ASP B 267 -19.29 7.25 -18.26
C ASP B 267 -18.85 8.65 -17.81
N GLU B 268 -17.52 8.89 -17.73
CA GLU B 268 -16.86 10.14 -17.33
C GLU B 268 -17.19 10.56 -15.88
N GLU B 269 -17.51 9.57 -15.02
CA GLU B 269 -17.79 9.75 -13.59
C GLU B 269 -16.44 9.87 -12.84
N LYS B 270 -15.39 9.21 -13.38
CA LYS B 270 -14.01 9.20 -12.88
C LYS B 270 -13.03 9.11 -14.05
N THR B 271 -11.75 9.44 -13.81
CA THR B 271 -10.69 9.41 -14.82
C THR B 271 -9.68 8.30 -14.54
N ILE B 272 -8.80 7.99 -15.51
CA ILE B 272 -7.73 6.99 -15.31
C ILE B 272 -6.69 7.57 -14.32
N GLU B 273 -6.48 8.90 -14.34
CA GLU B 273 -5.58 9.64 -13.45
C GLU B 273 -5.99 9.52 -11.97
N ASP B 274 -7.30 9.45 -11.70
CA ASP B 274 -7.85 9.29 -10.36
C ASP B 274 -7.54 7.90 -9.80
N TYR B 275 -7.32 6.93 -10.69
CA TYR B 275 -7.12 5.54 -10.33
C TYR B 275 -5.68 5.06 -10.39
N ILE B 276 -4.78 5.75 -11.15
CA ILE B 276 -3.35 5.39 -11.26
C ILE B 276 -2.76 5.19 -9.87
N ASP B 277 -2.02 4.08 -9.69
CA ASP B 277 -1.32 3.75 -8.44
C ASP B 277 -0.44 4.95 -8.02
N LYS B 278 -0.66 5.44 -6.80
CA LYS B 278 0.05 6.57 -6.22
C LYS B 278 1.40 6.12 -5.64
N LYS B 279 1.63 4.79 -5.60
CA LYS B 279 2.89 4.22 -5.11
C LYS B 279 3.94 4.10 -6.24
N MET B 280 3.93 5.07 -7.19
CA MET B 280 4.83 5.17 -8.34
C MET B 280 5.19 6.62 -8.54
N ASN B 281 6.39 6.92 -9.07
CA ASN B 281 6.74 8.32 -9.39
C ASN B 281 7.34 8.47 -10.82
N ASP B 282 7.38 7.36 -11.60
CA ASP B 282 7.90 7.29 -12.97
C ASP B 282 6.80 6.95 -13.99
N ALA B 283 5.53 7.13 -13.61
CA ALA B 283 4.42 6.83 -14.50
C ALA B 283 4.04 8.06 -15.34
N ASP B 284 4.55 8.12 -16.58
CA ASP B 284 4.21 9.21 -17.49
C ASP B 284 2.86 8.87 -18.09
N SER B 285 1.94 9.85 -18.09
CA SER B 285 0.55 9.70 -18.52
C SER B 285 0.36 9.04 -19.91
N THR B 286 1.30 9.25 -20.85
CA THR B 286 1.21 8.68 -22.19
C THR B 286 1.30 7.14 -22.14
N SER B 287 2.32 6.56 -21.48
CA SER B 287 2.42 5.10 -21.39
C SER B 287 1.31 4.47 -20.53
N VAL B 288 0.82 5.20 -19.50
CA VAL B 288 -0.26 4.74 -18.62
C VAL B 288 -1.58 4.70 -19.38
N GLU B 289 -1.84 5.74 -20.21
CA GLU B 289 -3.02 5.81 -21.05
C GLU B 289 -2.96 4.72 -22.15
N ALA B 290 -1.74 4.43 -22.66
CA ALA B 290 -1.51 3.41 -23.67
C ALA B 290 -1.76 2.03 -23.08
N MET B 291 -1.39 1.80 -21.79
CA MET B 291 -1.66 0.50 -21.16
C MET B 291 -3.16 0.40 -20.87
N TYR B 292 -3.78 1.51 -20.40
CA TYR B 292 -5.22 1.54 -20.12
C TYR B 292 -6.03 1.26 -21.39
N SER B 293 -5.58 1.79 -22.55
CA SER B 293 -6.22 1.56 -23.85
C SER B 293 -6.19 0.06 -24.21
N VAL B 294 -5.07 -0.64 -23.93
CA VAL B 294 -4.92 -2.09 -24.16
C VAL B 294 -5.88 -2.84 -23.22
N ALA B 295 -5.96 -2.40 -21.95
CA ALA B 295 -6.83 -3.02 -20.95
C ALA B 295 -8.31 -2.88 -21.34
N SER B 296 -8.69 -1.68 -21.79
CA SER B 296 -10.05 -1.32 -22.23
C SER B 296 -10.46 -2.24 -23.38
N GLN B 297 -9.54 -2.44 -24.34
CA GLN B 297 -9.73 -3.30 -25.51
C GLN B 297 -9.93 -4.75 -25.09
N CYS B 298 -9.11 -5.26 -24.15
CA CYS B 298 -9.22 -6.62 -23.63
C CYS B 298 -10.56 -6.86 -22.94
N LEU B 299 -11.08 -5.82 -22.26
CA LEU B 299 -12.31 -5.89 -21.47
C LEU B 299 -13.60 -5.65 -22.25
N HIS B 300 -13.54 -5.64 -23.61
CA HIS B 300 -14.71 -5.56 -24.51
C HIS B 300 -15.64 -6.70 -24.09
N GLU B 301 -16.89 -6.40 -23.77
CA GLU B 301 -17.90 -7.37 -23.34
C GLU B 301 -18.18 -8.45 -24.39
N LYS B 302 -18.16 -8.07 -25.68
CA LYS B 302 -18.32 -8.97 -26.83
C LYS B 302 -16.94 -9.57 -27.14
N LYS B 303 -16.79 -10.90 -26.95
CA LYS B 303 -15.54 -11.63 -27.17
C LYS B 303 -14.87 -11.42 -28.54
N ASN B 304 -15.66 -11.24 -29.62
CA ASN B 304 -15.13 -11.04 -30.97
C ASN B 304 -14.51 -9.63 -31.16
N LYS B 305 -14.91 -8.66 -30.32
CA LYS B 305 -14.39 -7.28 -30.38
C LYS B 305 -13.00 -7.12 -29.71
N ARG B 306 -12.64 -8.07 -28.80
CA ARG B 306 -11.35 -8.08 -28.11
C ARG B 306 -10.23 -8.44 -29.09
N PRO B 307 -9.03 -7.85 -28.91
CA PRO B 307 -7.89 -8.25 -29.77
C PRO B 307 -7.35 -9.63 -29.38
N ASP B 308 -6.71 -10.33 -30.32
CA ASP B 308 -6.07 -11.61 -29.98
C ASP B 308 -4.75 -11.28 -29.24
N ILE B 309 -4.11 -12.29 -28.60
CA ILE B 309 -2.90 -12.09 -27.82
C ILE B 309 -1.72 -11.49 -28.63
N LYS B 310 -1.59 -11.84 -29.91
CA LYS B 310 -0.56 -11.31 -30.80
C LYS B 310 -0.68 -9.77 -30.91
N LYS B 311 -1.91 -9.22 -31.04
CA LYS B 311 -2.18 -7.78 -31.07
C LYS B 311 -1.90 -7.13 -29.70
N VAL B 312 -2.34 -7.77 -28.60
CA VAL B 312 -2.07 -7.31 -27.22
C VAL B 312 -0.54 -7.13 -27.01
N GLN B 313 0.27 -8.11 -27.45
CA GLN B 313 1.72 -8.12 -27.41
C GLN B 313 2.28 -6.96 -28.24
N GLN B 314 1.69 -6.70 -29.43
CA GLN B 314 2.08 -5.62 -30.36
C GLN B 314 1.89 -4.26 -29.70
N LEU B 315 0.68 -4.00 -29.19
CA LEU B 315 0.31 -2.75 -28.53
C LEU B 315 1.17 -2.43 -27.30
N LEU B 316 1.50 -3.46 -26.48
CA LEU B 316 2.35 -3.31 -25.30
C LEU B 316 3.80 -2.96 -25.65
N GLN B 317 4.29 -3.48 -26.79
CA GLN B 317 5.63 -3.19 -27.33
C GLN B 317 5.68 -1.72 -27.78
N GLU B 318 4.66 -1.28 -28.54
CA GLU B 318 4.51 0.09 -29.06
C GLU B 318 4.33 1.13 -27.94
N MET B 319 3.92 0.68 -26.75
CA MET B 319 3.71 1.50 -25.57
C MET B 319 5.04 2.02 -24.96
N THR B 320 6.13 1.21 -25.04
CA THR B 320 7.44 1.52 -24.46
C THR B 320 8.46 1.99 -25.50
S SO4 C . 16.47 39.51 11.67
O1 SO4 C . 15.98 39.42 10.29
O2 SO4 C . 15.36 39.37 12.59
O3 SO4 C . 17.46 38.46 11.90
O4 SO4 C . 17.10 40.81 11.86
C1 K1H D . -0.37 14.58 -4.35
C3 K1H D . 1.48 14.74 -2.89
O4 K1H D . 2.25 14.60 -3.81
C7 K1H D . 3.64 16.04 -0.37
C9 K1H D . 1.36 16.15 0.46
C10 K1H D . 0.97 14.98 -0.44
C11 K1H D . 3.20 17.01 1.87
C12 K1H D . 3.52 18.41 1.33
C13 K1H D . 3.99 19.33 2.46
C14 K1H D . 5.18 18.73 3.18
C15 K1H D . 4.83 17.37 3.76
C16 K1H D . 4.35 16.41 2.68
C20 K1H D . 9.17 19.23 4.14
C22 K1H D . 8.75 20.64 5.88
C24 K1H D . 6.47 21.39 6.37
C27 K1H D . 9.19 21.38 7.01
N29 K1H D . 5.23 23.28 8.99
O2 K1H D . 0.15 14.71 -3.00
N5 K1H D . 1.88 14.92 -1.61
C6 K1H D . 3.30 14.86 -1.25
N8 K1H D . 2.78 16.06 0.82
N17 K1H D . 5.67 19.60 4.22
C18 K1H D . 6.98 19.77 4.48
N19 K1H D . 7.89 19.08 3.77
N21 K1H D . 9.67 19.95 5.14
C23 K1H D . 7.36 20.63 5.58
C25 K1H D . 6.94 22.08 7.47
C26 K1H D . 8.30 22.07 7.78
C28 K1H D . 5.99 22.75 8.33
S SO4 E . 28.09 -29.13 -2.78
O1 SO4 E . 28.04 -30.19 -3.81
O2 SO4 E . 26.87 -29.22 -1.96
O3 SO4 E . 29.28 -29.32 -1.95
O4 SO4 E . 28.19 -27.80 -3.40
C1 K1H F . -0.67 -13.78 3.77
C3 K1H F . 0.88 -14.70 2.24
O4 K1H F . 1.66 -14.95 3.13
C7 K1H F . 2.80 -15.95 -0.52
C9 K1H F . 0.43 -15.98 -1.12
C10 K1H F . 0.19 -14.81 -0.17
C11 K1H F . 2.13 -16.94 -2.69
C12 K1H F . 2.18 -18.41 -2.26
C13 K1H F . 2.52 -19.34 -3.42
C14 K1H F . 3.80 -18.89 -4.14
C15 K1H F . 3.67 -17.46 -4.63
C16 K1H F . 3.38 -16.51 -3.47
C20 K1H F . 7.63 -19.50 -5.63
C22 K1H F . 6.98 -20.98 -7.23
C24 K1H F . 4.64 -21.62 -7.47
C27 K1H F . 7.26 -21.73 -8.41
N29 K1H F . 3.05 -23.53 -9.88
O2 K1H F . -0.37 -14.27 2.44
N5 K1H F . 1.15 -14.87 0.93
C6 K1H F . 2.53 -14.81 0.44
N8 K1H F . 1.82 -15.97 -1.63
N17 K1H F . 4.16 -19.79 -5.23
C18 K1H F . 5.41 -19.99 -5.69
N19 K1H F . 6.42 -19.30 -5.13
N21 K1H F . 8.00 -20.30 -6.63
C23 K1H F . 5.64 -20.91 -6.77
C25 K1H F . 4.95 -22.33 -8.60
C26 K1H F . 6.27 -22.37 -9.07
C28 K1H F . 3.90 -23.00 -9.33
#